data_3F7L
#
_entry.id   3F7L
#
_cell.length_a   62.493
_cell.length_b   62.493
_cell.length_c   163.191
_cell.angle_alpha   90.00
_cell.angle_beta   90.00
_cell.angle_gamma   120.00
#
_symmetry.space_group_name_H-M   'P 61 2 2'
#
loop_
_entity.id
_entity.type
_entity.pdbx_description
1 polymer 'Copper,Zinc Superoxide Dismutase'
2 non-polymer 'COPPER (I) ION'
3 non-polymer 'COPPER (II) ION'
4 non-polymer 'ZINC ION'
5 non-polymer 'SODIUM ION'
6 non-polymer 'ACETIC ACID'
7 non-polymer 'SULFATE ION'
8 water water
#
_entity_poly.entity_id   1
_entity_poly.type   'polypeptide(L)'
_entity_poly.pdbx_seq_one_letter_code
;AIHAVCVLKGDSPVTGTIHLKEEGDMVTVTGEITGLTPGKHGFHVHEFGDNTNGCTSAGGHFNPHGKEHGAPEDENRHAG
DLGNVVAGEDGKAVINMKDKLVKLTGPDSVIGRTLVVHVDEDDLGRGGHEQSKITGNAGGRLACGVIGITKE
;
_entity_poly.pdbx_strand_id   A
#
# COMPACT_ATOMS: atom_id res chain seq x y z
N ALA A 1 -16.54 3.07 14.25
CA ALA A 1 -15.58 3.14 13.14
C ALA A 1 -14.67 1.93 13.27
N ILE A 2 -14.38 1.14 12.24
CA ILE A 2 -13.37 0.10 12.30
C ILE A 2 -11.97 0.71 12.29
N HIS A 3 -11.11 0.11 13.07
CA HIS A 3 -9.68 0.44 13.15
C HIS A 3 -8.86 -0.79 12.83
N ALA A 4 -7.81 -0.57 12.04
CA ALA A 4 -6.87 -1.61 11.66
C ALA A 4 -5.45 -1.08 11.78
N VAL A 5 -4.50 -2.01 11.75
CA VAL A 5 -3.08 -1.69 11.86
C VAL A 5 -2.29 -2.68 11.04
N CYS A 6 -1.10 -2.28 10.66
CA CYS A 6 -0.21 -3.10 9.84
C CYS A 6 1.23 -2.79 10.22
N VAL A 7 2.00 -3.82 10.58
CA VAL A 7 3.38 -3.70 10.97
C VAL A 7 4.23 -4.22 9.84
N LEU A 8 5.03 -3.37 9.24
CA LEU A 8 5.81 -3.73 8.03
C LEU A 8 7.21 -4.21 8.36
N LYS A 9 7.58 -5.37 7.75
CA LYS A 9 8.90 -5.92 7.85
C LYS A 9 9.21 -6.69 6.56
N GLY A 10 10.48 -6.85 6.21
CA GLY A 10 10.81 -7.68 5.07
C GLY A 10 12.30 -7.90 4.95
N ASP A 11 12.75 -8.19 3.73
CA ASP A 11 14.16 -8.51 3.49
C ASP A 11 14.98 -7.26 3.17
N SER A 12 14.98 -6.37 4.18
CA SER A 12 15.56 -5.08 4.07
C SER A 12 15.56 -4.46 5.50
N PRO A 13 16.19 -3.33 5.70
CA PRO A 13 16.06 -2.66 6.98
C PRO A 13 14.80 -1.85 7.19
N VAL A 14 13.88 -1.81 6.33
CA VAL A 14 12.68 -1.01 6.29
C VAL A 14 11.68 -1.54 7.28
N THR A 15 11.18 -0.65 8.14
CA THR A 15 10.18 -0.98 9.14
C THR A 15 9.16 0.16 9.21
N GLY A 16 8.07 -0.10 9.92
CA GLY A 16 7.10 0.96 10.14
C GLY A 16 5.74 0.36 10.52
N THR A 17 4.91 1.23 11.07
CA THR A 17 3.56 0.89 11.45
C THR A 17 2.58 1.80 10.75
N ILE A 18 1.58 1.23 10.13
CA ILE A 18 0.53 1.92 9.46
C ILE A 18 -0.77 1.68 10.19
N HIS A 19 -1.53 2.77 10.46
CA HIS A 19 -2.85 2.72 11.02
C HIS A 19 -3.88 3.06 9.95
N LEU A 20 -5.03 2.37 10.01
CA LEU A 20 -6.13 2.61 9.11
C LEU A 20 -7.39 2.75 9.91
N LYS A 21 -8.23 3.71 9.59
CA LYS A 21 -9.51 3.81 10.30
C LYS A 21 -10.57 4.31 9.34
N GLU A 22 -11.78 3.86 9.52
CA GLU A 22 -12.89 4.52 8.91
C GLU A 22 -13.09 5.91 9.50
N GLU A 23 -13.30 6.92 8.68
CA GLU A 23 -13.45 8.34 9.10
C GLU A 23 -14.34 8.96 8.05
N GLY A 24 -15.55 9.35 8.44
CA GLY A 24 -16.55 9.74 7.46
C GLY A 24 -16.81 8.61 6.47
N ASP A 25 -16.79 8.91 5.18
CA ASP A 25 -17.08 7.92 4.13
C ASP A 25 -15.80 7.36 3.55
N MET A 26 -14.63 7.65 4.09
CA MET A 26 -13.39 7.16 3.53
C MET A 26 -12.63 6.40 4.62
N VAL A 27 -11.46 5.92 4.24
CA VAL A 27 -10.50 5.32 5.18
C VAL A 27 -9.29 6.21 5.24
N THR A 28 -8.87 6.58 6.45
CA THR A 28 -7.72 7.39 6.73
C THR A 28 -6.56 6.50 7.08
N VAL A 29 -5.45 6.67 6.36
CA VAL A 29 -4.25 5.86 6.48
C VAL A 29 -3.12 6.76 6.99
N THR A 30 -2.50 6.40 8.11
CA THR A 30 -1.46 7.19 8.71
C THR A 30 -0.32 6.31 9.16
N GLY A 31 0.86 6.88 9.29
CA GLY A 31 1.97 6.17 9.89
C GLY A 31 3.28 6.59 9.34
N GLU A 32 4.35 5.98 9.76
CA GLU A 32 5.71 6.30 9.37
C GLU A 32 6.41 5.00 8.96
N ILE A 33 7.18 5.11 7.89
CA ILE A 33 8.04 4.02 7.37
C ILE A 33 9.45 4.55 7.39
N THR A 34 10.38 3.75 7.89
CA THR A 34 11.78 4.18 8.06
C THR A 34 12.70 3.22 7.33
N GLY A 35 13.95 3.68 7.13
CA GLY A 35 14.97 2.89 6.51
C GLY A 35 14.96 2.91 5.00
N LEU A 36 14.22 3.82 4.39
CA LEU A 36 14.05 3.91 2.96
C LEU A 36 15.13 4.77 2.29
N THR A 37 15.46 4.50 1.06
CA THR A 37 16.25 5.48 0.33
C THR A 37 15.41 6.73 0.14
N PRO A 38 16.01 7.93 0.14
CA PRO A 38 15.21 9.14 -0.05
C PRO A 38 14.47 9.08 -1.41
N GLY A 39 13.26 9.63 -1.40
CA GLY A 39 12.47 9.73 -2.62
C GLY A 39 11.19 8.90 -2.55
N LYS A 40 10.55 8.76 -3.66
CA LYS A 40 9.26 8.10 -3.77
C LYS A 40 9.40 6.57 -3.80
N HIS A 41 8.55 5.90 -3.05
CA HIS A 41 8.46 4.45 -3.01
C HIS A 41 6.99 4.03 -3.17
N GLY A 42 6.75 3.07 -4.07
CA GLY A 42 5.37 2.61 -4.25
C GLY A 42 4.81 1.99 -2.96
N PHE A 43 3.50 2.13 -2.80
CA PHE A 43 2.82 1.73 -1.57
C PHE A 43 1.42 1.28 -1.93
N HIS A 44 1.11 0.00 -1.70
CA HIS A 44 -0.17 -0.54 -2.15
C HIS A 44 -0.69 -1.58 -1.19
N VAL A 45 -2.02 -1.78 -1.26
CA VAL A 45 -2.66 -2.97 -0.73
C VAL A 45 -2.53 -4.09 -1.75
N HIS A 46 -1.94 -5.20 -1.34
CA HIS A 46 -1.84 -6.42 -2.11
C HIS A 46 -2.90 -7.41 -1.62
N GLU A 47 -3.24 -8.35 -2.52
CA GLU A 47 -4.43 -9.16 -2.34
C GLU A 47 -4.37 -10.09 -1.14
N PHE A 48 -3.23 -10.74 -0.88
CA PHE A 48 -3.21 -11.82 0.09
C PHE A 48 -2.44 -11.44 1.33
N GLY A 49 -3.00 -11.76 2.49
CA GLY A 49 -2.34 -11.66 3.78
C GLY A 49 -1.51 -12.87 4.08
N ASP A 50 -0.61 -13.23 3.15
CA ASP A 50 0.09 -14.49 3.13
C ASP A 50 1.58 -14.20 3.18
N ASN A 51 2.22 -14.49 4.31
CA ASN A 51 3.61 -14.26 4.53
C ASN A 51 4.44 -15.54 4.49
N THR A 52 3.94 -16.57 3.80
CA THR A 52 4.69 -17.84 3.75
C THR A 52 5.92 -17.76 2.86
N ASN A 53 6.02 -16.79 1.98
CA ASN A 53 7.14 -16.60 1.09
C ASN A 53 7.46 -15.09 1.10
N GLY A 54 7.85 -14.61 2.25
CA GLY A 54 8.23 -13.17 2.40
C GLY A 54 7.06 -12.32 1.91
N CYS A 55 7.43 -11.23 1.23
CA CYS A 55 6.44 -10.33 0.68
C CYS A 55 5.94 -10.82 -0.67
N THR A 56 6.61 -11.78 -1.28
CA THR A 56 6.19 -12.30 -2.60
C THR A 56 4.85 -12.97 -2.54
N SER A 57 4.55 -13.68 -1.45
CA SER A 57 3.28 -14.42 -1.34
C SER A 57 2.10 -13.50 -1.08
N ALA A 58 2.29 -12.19 -0.95
CA ALA A 58 1.19 -11.25 -0.87
C ALA A 58 0.44 -11.16 -2.21
N GLY A 59 1.02 -11.68 -3.28
CA GLY A 59 0.36 -11.58 -4.58
C GLY A 59 0.43 -10.19 -5.14
N GLY A 60 -0.49 -9.90 -6.06
CA GLY A 60 -0.51 -8.63 -6.78
C GLY A 60 -1.34 -7.59 -6.07
N HIS A 61 -1.51 -6.44 -6.72
CA HIS A 61 -2.30 -5.40 -6.11
C HIS A 61 -3.74 -5.89 -5.97
N PHE A 62 -4.37 -5.48 -4.86
CA PHE A 62 -5.77 -5.83 -4.64
C PHE A 62 -6.62 -5.13 -5.70
N ASN A 63 -7.36 -5.93 -6.46
CA ASN A 63 -8.05 -5.44 -7.66
C ASN A 63 -9.38 -6.10 -7.86
N PRO A 64 -10.28 -5.96 -6.91
CA PRO A 64 -11.58 -6.62 -7.00
C PRO A 64 -12.45 -6.12 -8.15
N HIS A 65 -12.14 -4.94 -8.69
CA HIS A 65 -12.93 -4.37 -9.80
C HIS A 65 -12.29 -4.53 -11.17
N GLY A 66 -11.17 -5.22 -11.29
CA GLY A 66 -10.65 -5.55 -12.58
C GLY A 66 -10.20 -4.35 -13.39
N LYS A 67 -9.59 -3.38 -12.74
CA LYS A 67 -9.07 -2.20 -13.36
C LYS A 67 -7.60 -2.32 -13.64
N GLU A 68 -7.03 -1.38 -14.43
CA GLU A 68 -5.59 -1.25 -14.58
C GLU A 68 -4.98 -0.52 -13.37
N HIS A 69 -3.67 -0.61 -13.26
CA HIS A 69 -2.93 0.13 -12.24
C HIS A 69 -2.99 1.62 -12.56
N GLY A 70 -3.21 2.44 -11.55
CA GLY A 70 -3.28 3.88 -11.74
C GLY A 70 -2.84 4.62 -10.50
N ALA A 71 -3.16 5.95 -10.52
CA ALA A 71 -2.88 6.81 -9.41
C ALA A 71 -4.08 6.77 -8.44
N PRO A 72 -3.87 7.13 -7.17
CA PRO A 72 -5.01 7.11 -6.22
C PRO A 72 -6.17 7.97 -6.67
N GLU A 73 -5.95 9.08 -7.33
CA GLU A 73 -7.04 9.97 -7.74
C GLU A 73 -7.80 9.46 -8.94
N ASP A 74 -7.37 8.39 -9.60
CA ASP A 74 -7.98 7.92 -10.81
C ASP A 74 -9.17 7.03 -10.55
N GLU A 75 -10.10 7.01 -11.54
CA GLU A 75 -11.16 6.00 -11.56
C GLU A 75 -10.60 4.63 -11.97
N ASN A 76 -9.75 4.62 -12.99
CA ASN A 76 -9.16 3.37 -13.48
C ASN A 76 -7.88 3.10 -12.67
N ARG A 77 -8.08 2.50 -11.51
CA ARG A 77 -7.03 2.15 -10.58
C ARG A 77 -7.43 0.86 -9.89
N HIS A 78 -6.45 0.13 -9.41
CA HIS A 78 -6.71 -0.96 -8.49
C HIS A 78 -7.25 -0.38 -7.19
N ALA A 79 -8.11 -1.15 -6.50
CA ALA A 79 -8.55 -0.70 -5.18
C ALA A 79 -7.34 -0.47 -4.27
N GLY A 80 -6.29 -1.26 -4.42
CA GLY A 80 -5.11 -1.14 -3.58
C GLY A 80 -4.14 -0.04 -3.92
N ASP A 81 -4.40 0.79 -4.95
CA ASP A 81 -3.41 1.76 -5.43
C ASP A 81 -3.36 3.03 -4.61
N LEU A 82 -2.37 3.08 -3.69
CA LEU A 82 -2.15 4.21 -2.80
C LEU A 82 -0.99 5.09 -3.23
N GLY A 83 -0.48 4.90 -4.43
CA GLY A 83 0.54 5.79 -4.97
C GLY A 83 1.92 5.54 -4.37
N ASN A 84 2.54 6.64 -3.97
CA ASN A 84 3.86 6.62 -3.37
C ASN A 84 3.83 7.20 -1.98
N VAL A 85 4.76 6.71 -1.14
CA VAL A 85 5.18 7.43 0.04
C VAL A 85 6.48 8.15 -0.34
N VAL A 86 6.77 9.25 0.34
CA VAL A 86 7.94 10.06 0.05
C VAL A 86 8.85 10.04 1.24
N ALA A 87 9.98 9.35 1.11
CA ALA A 87 10.98 9.35 2.18
C ALA A 87 11.84 10.61 2.07
N GLY A 88 12.04 11.26 3.22
CA GLY A 88 12.96 12.37 3.25
C GLY A 88 14.38 11.91 3.14
N GLU A 89 15.28 12.91 3.17
CA GLU A 89 16.70 12.64 3.13
C GLU A 89 17.12 11.74 4.27
N ASP A 90 16.36 11.73 5.38
CA ASP A 90 16.69 10.87 6.52
C ASP A 90 16.13 9.45 6.40
N GLY A 91 15.52 9.11 5.28
CA GLY A 91 14.99 7.79 5.04
C GLY A 91 13.64 7.51 5.61
N LYS A 92 12.95 8.53 6.09
CA LYS A 92 11.66 8.33 6.77
C LYS A 92 10.54 8.97 5.95
N ALA A 93 9.48 8.22 5.73
CA ALA A 93 8.29 8.66 5.05
C ALA A 93 7.12 8.65 6.02
N VAL A 94 6.28 9.66 5.96
CA VAL A 94 5.08 9.73 6.78
C VAL A 94 3.90 9.78 5.84
N ILE A 95 2.89 9.01 6.24
N ILE A 95 2.91 8.90 6.02
CA ILE A 95 1.63 8.86 5.55
CA ILE A 95 1.67 8.92 5.20
C ILE A 95 0.50 9.56 6.28
C ILE A 95 0.57 9.51 6.10
N ASN A 96 -0.29 10.28 5.49
CA ASN A 96 -1.52 10.79 6.03
C ASN A 96 -2.46 11.04 4.87
N MET A 97 -3.24 10.03 4.52
CA MET A 97 -4.09 10.16 3.35
CA MET A 97 -3.99 9.86 3.31
C MET A 97 -5.47 9.63 3.68
C MET A 97 -5.43 9.41 3.51
N LYS A 98 -6.41 10.03 2.87
CA LYS A 98 -7.82 9.57 2.93
C LYS A 98 -8.16 8.95 1.57
N ASP A 99 -8.68 7.77 1.56
CA ASP A 99 -8.94 7.05 0.32
C ASP A 99 -10.35 6.54 0.26
N LYS A 100 -10.96 6.66 -0.92
CA LYS A 100 -12.33 6.21 -1.07
C LYS A 100 -12.49 4.79 -1.56
N LEU A 101 -11.46 4.15 -2.06
CA LEU A 101 -11.61 2.77 -2.52
C LEU A 101 -11.11 1.76 -1.49
N VAL A 102 -10.17 2.10 -0.64
CA VAL A 102 -9.79 1.24 0.50
C VAL A 102 -11.02 1.15 1.42
N LYS A 103 -11.38 -0.07 1.82
CA LYS A 103 -12.48 -0.31 2.73
C LYS A 103 -12.01 -1.19 3.87
N LEU A 104 -12.66 -1.04 5.00
CA LEU A 104 -12.39 -1.92 6.18
C LEU A 104 -13.60 -2.77 6.55
N THR A 105 -14.63 -2.78 5.74
N THR A 105 -14.53 -2.83 5.65
CA THR A 105 -15.89 -3.50 5.84
CA THR A 105 -15.72 -3.69 5.80
C THR A 105 -16.36 -3.86 4.43
C THR A 105 -16.29 -3.92 4.41
N GLY A 106 -17.20 -4.87 4.28
CA GLY A 106 -17.84 -5.13 3.03
C GLY A 106 -17.00 -5.97 2.09
N PRO A 107 -17.48 -6.14 0.85
CA PRO A 107 -16.83 -7.03 -0.11
C PRO A 107 -15.41 -6.61 -0.47
N ASP A 108 -15.13 -5.31 -0.37
CA ASP A 108 -13.78 -4.82 -0.73
C ASP A 108 -12.93 -4.56 0.48
N SER A 109 -13.28 -5.17 1.64
CA SER A 109 -12.46 -4.98 2.81
C SER A 109 -11.03 -5.43 2.55
N VAL A 110 -10.11 -4.67 3.15
CA VAL A 110 -8.68 -4.99 3.13
C VAL A 110 -8.21 -5.65 4.43
N ILE A 111 -9.11 -5.88 5.36
CA ILE A 111 -8.74 -6.64 6.57
C ILE A 111 -8.22 -8.01 6.10
N GLY A 112 -7.07 -8.42 6.66
CA GLY A 112 -6.49 -9.67 6.27
C GLY A 112 -5.74 -9.67 4.95
N ARG A 113 -5.59 -8.51 4.32
CA ARG A 113 -4.79 -8.36 3.14
C ARG A 113 -3.44 -7.78 3.56
N THR A 114 -2.62 -7.27 2.61
CA THR A 114 -1.23 -6.87 2.94
C THR A 114 -0.98 -5.47 2.45
N LEU A 115 -0.21 -4.69 3.20
CA LEU A 115 0.43 -3.49 2.67
C LEU A 115 1.86 -3.79 2.32
N VAL A 116 2.32 -3.29 1.16
CA VAL A 116 3.68 -3.45 0.68
C VAL A 116 4.26 -2.06 0.37
N VAL A 117 5.49 -1.85 0.77
CA VAL A 117 6.30 -0.71 0.34
C VAL A 117 7.43 -1.23 -0.56
N HIS A 118 7.64 -0.51 -1.67
CA HIS A 118 8.49 -1.00 -2.76
C HIS A 118 9.84 -0.30 -2.83
N VAL A 119 10.75 -0.99 -3.54
CA VAL A 119 12.09 -0.54 -3.85
C VAL A 119 12.04 0.78 -4.63
N ASP A 120 11.23 0.83 -5.66
CA ASP A 120 11.20 1.93 -6.60
C ASP A 120 9.90 2.72 -6.51
N GLU A 121 9.92 3.86 -7.18
CA GLU A 121 8.74 4.70 -7.40
C GLU A 121 7.69 3.98 -8.20
N ASP A 122 6.45 4.21 -7.82
CA ASP A 122 5.26 3.81 -8.61
C ASP A 122 5.00 4.89 -9.64
N ASP A 123 5.06 4.53 -10.93
CA ASP A 123 4.91 5.48 -12.05
C ASP A 123 3.46 5.79 -12.34
N LEU A 124 2.53 5.26 -11.54
CA LEU A 124 1.11 5.60 -11.60
C LEU A 124 0.45 5.18 -12.88
N GLY A 125 1.05 4.18 -13.56
CA GLY A 125 0.53 3.68 -14.80
C GLY A 125 1.03 4.43 -16.06
N ARG A 126 1.86 5.46 -15.85
CA ARG A 126 2.20 6.42 -16.91
C ARG A 126 3.64 6.36 -17.32
N GLY A 127 4.41 5.40 -16.82
CA GLY A 127 5.84 5.38 -17.10
C GLY A 127 6.25 4.83 -18.44
N GLY A 128 5.36 4.20 -19.17
CA GLY A 128 5.74 3.66 -20.47
C GLY A 128 6.47 2.35 -20.44
N HIS A 129 6.39 1.61 -19.36
CA HIS A 129 6.99 0.27 -19.22
C HIS A 129 5.92 -0.81 -19.27
N GLU A 130 6.32 -2.01 -19.61
CA GLU A 130 5.34 -3.10 -19.61
C GLU A 130 4.65 -3.28 -18.24
N GLN A 131 5.36 -3.08 -17.15
CA GLN A 131 4.73 -3.26 -15.85
C GLN A 131 3.97 -1.99 -15.40
N SER A 132 4.02 -0.88 -16.12
CA SER A 132 3.39 0.34 -15.62
C SER A 132 1.91 0.15 -15.28
N LYS A 133 1.16 -0.46 -16.21
CA LYS A 133 -0.27 -0.63 -16.01
C LYS A 133 -0.61 -1.88 -15.15
N ILE A 134 0.40 -2.53 -14.62
CA ILE A 134 0.26 -3.73 -13.76
C ILE A 134 0.62 -3.41 -12.31
N THR A 135 1.79 -2.81 -12.14
CA THR A 135 2.35 -2.57 -10.81
C THR A 135 2.83 -1.12 -10.64
N GLY A 136 2.81 -0.30 -11.69
CA GLY A 136 3.47 0.97 -11.65
C GLY A 136 4.97 0.85 -11.78
N ASN A 137 5.45 -0.30 -12.19
CA ASN A 137 6.87 -0.58 -12.29
C ASN A 137 7.63 -0.24 -11.03
N ALA A 138 7.04 -0.58 -9.87
CA ALA A 138 7.62 -0.19 -8.58
C ALA A 138 8.68 -1.15 -8.07
N GLY A 139 9.02 -2.19 -8.82
CA GLY A 139 10.11 -3.07 -8.43
C GLY A 139 9.78 -3.92 -7.21
N GLY A 140 10.86 -4.34 -6.56
CA GLY A 140 10.72 -5.33 -5.50
C GLY A 140 10.12 -4.75 -4.23
N ARG A 141 10.02 -5.63 -3.24
CA ARG A 141 9.24 -5.38 -2.04
C ARG A 141 10.18 -5.28 -0.86
N LEU A 142 10.25 -4.12 -0.26
CA LEU A 142 11.15 -3.88 0.86
C LEU A 142 10.59 -4.43 2.19
N ALA A 143 9.27 -4.32 2.37
CA ALA A 143 8.66 -4.67 3.61
C ALA A 143 7.16 -4.78 3.37
N CYS A 144 6.51 -5.55 4.21
CA CYS A 144 5.09 -5.79 4.10
C CYS A 144 4.55 -6.24 5.43
N GLY A 145 3.23 -6.19 5.57
CA GLY A 145 2.57 -6.76 6.77
C GLY A 145 1.13 -7.05 6.45
N VAL A 146 0.54 -7.94 7.24
CA VAL A 146 -0.85 -8.25 7.16
C VAL A 146 -1.64 -7.20 7.90
N ILE A 147 -2.77 -6.75 7.31
CA ILE A 147 -3.64 -5.74 7.90
C ILE A 147 -4.57 -6.40 8.91
N GLY A 148 -4.45 -6.01 10.16
CA GLY A 148 -5.20 -6.62 11.23
C GLY A 148 -6.13 -5.68 11.95
N ILE A 149 -7.15 -6.22 12.56
CA ILE A 149 -8.10 -5.49 13.38
C ILE A 149 -7.42 -5.05 14.68
N THR A 150 -7.64 -3.78 15.08
CA THR A 150 -7.16 -3.33 16.35
C THR A 150 -8.24 -2.59 17.08
N LYS A 151 -7.92 -2.18 18.28
CA LYS A 151 -8.86 -1.34 19.07
C LYS A 151 -8.72 0.08 18.54
#